data_5ZHS
#
_entry.id   5ZHS
#
_cell.length_a   48.970
_cell.length_b   48.970
_cell.length_c   192.199
_cell.angle_alpha   90.00
_cell.angle_beta   90.00
_cell.angle_gamma   120.00
#
_symmetry.space_group_name_H-M   'P 32 2 1'
#
loop_
_entity.id
_entity.type
_entity.pdbx_description
1 polymer 'Strigolactone esterase D14'
2 non-polymer (4-phenylpiperazin-1-yl)(1H-1,2,3-triazol-1-yl)methanone
3 water water
#
_entity_poly.entity_id   1
_entity_poly.type   'polypeptide(L)'
_entity_poly.pdbx_seq_one_letter_code
;GPGYQDPNSAKLLQILNVRVVGSGERVVVLSHGFGTDQSAWSRVLPYLTRDHRVVLYDLVCAGSVNPDHFDFRRYDNLDA
YVDDLLAILDALRIPRCAFVGHSVSAMIGILASIRRPDLFAKLVLIGASPRFLNDSDYHGGFELEEIQQVFDAMGANYSA
WATGYAPLAVGADVPAAVQEFSRTLFNMRPDISLHVCQTVFKTDLRGVLGMVRAPCVVVQTTRDVSVPASVAAYLKAHLG
GRTTVEFLQTEGHLPHLSAPSLLAQVLRRALARY
;
_entity_poly.pdbx_strand_id   A
#
# COMPACT_ATOMS: atom_id res chain seq x y z
N LYS A 11 16.00 12.41 -12.60
CA LYS A 11 14.73 13.13 -12.49
C LYS A 11 13.77 12.41 -11.55
N LEU A 12 13.79 11.08 -11.60
CA LEU A 12 12.85 10.24 -10.86
C LEU A 12 12.80 10.52 -9.36
N LEU A 13 13.96 10.71 -8.75
CA LEU A 13 14.03 10.95 -7.32
C LEU A 13 13.33 12.24 -6.92
N GLN A 14 13.42 13.25 -7.77
CA GLN A 14 12.74 14.50 -7.48
C GLN A 14 11.26 14.41 -7.83
N ILE A 15 10.96 13.71 -8.93
CA ILE A 15 9.59 13.61 -9.42
C ILE A 15 8.66 12.90 -8.42
N LEU A 16 9.15 11.85 -7.77
CA LEU A 16 8.31 11.10 -6.85
C LEU A 16 8.58 11.49 -5.40
N ASN A 17 9.17 12.68 -5.20
CA ASN A 17 9.37 13.26 -3.88
C ASN A 17 10.10 12.33 -2.91
N VAL A 18 11.15 11.69 -3.40
CA VAL A 18 11.88 10.71 -2.59
C VAL A 18 12.61 11.39 -1.45
N ARG A 19 12.38 10.88 -0.24
CA ARG A 19 13.05 11.37 0.95
C ARG A 19 13.65 10.20 1.69
N VAL A 20 14.86 10.38 2.20
CA VAL A 20 15.51 9.36 3.00
C VAL A 20 15.83 9.98 4.36
N VAL A 21 15.31 9.36 5.41
CA VAL A 21 15.50 9.88 6.75
C VAL A 21 15.92 8.75 7.68
N GLY A 22 16.50 9.11 8.81
CA GLY A 22 16.97 8.11 9.76
C GLY A 22 18.42 7.76 9.52
N SER A 23 18.89 6.74 10.24
CA SER A 23 20.30 6.36 10.19
C SER A 23 20.47 4.87 10.39
N GLY A 24 21.56 4.33 9.86
CA GLY A 24 21.84 2.91 9.96
C GLY A 24 22.06 2.32 8.59
N GLU A 25 22.42 1.03 8.56
CA GLU A 25 22.66 0.37 7.29
C GLU A 25 21.43 -0.46 6.91
N ARG A 26 20.58 -0.73 7.89
CA ARG A 26 19.30 -1.39 7.63
C ARG A 26 18.32 -0.42 6.98
N VAL A 27 17.94 -0.73 5.74
CA VAL A 27 17.06 0.16 4.98
C VAL A 27 15.62 -0.36 4.98
N VAL A 28 14.68 0.56 5.18
CA VAL A 28 13.25 0.24 5.09
C VAL A 28 12.57 1.20 4.12
N VAL A 29 11.83 0.65 3.16
CA VAL A 29 11.03 1.46 2.26
C VAL A 29 9.58 1.51 2.72
N LEU A 30 9.00 2.70 2.80
CA LEU A 30 7.58 2.85 3.10
C LEU A 30 6.86 3.30 1.84
N SER A 31 5.89 2.51 1.40
CA SER A 31 5.18 2.73 0.14
C SER A 31 3.69 2.81 0.41
N HIS A 32 3.09 3.95 0.10
CA HIS A 32 1.71 4.23 0.51
C HIS A 32 0.67 3.64 -0.44
N GLY A 33 -0.59 3.72 -0.03
CA GLY A 33 -1.69 3.19 -0.83
C GLY A 33 -2.52 4.28 -1.48
N PHE A 34 -3.64 3.88 -2.05
CA PHE A 34 -4.53 4.80 -2.75
C PHE A 34 -5.09 5.89 -1.85
N GLY A 35 -5.04 7.12 -2.33
CA GLY A 35 -5.70 8.22 -1.66
C GLY A 35 -4.87 8.93 -0.62
N THR A 36 -3.64 8.48 -0.42
CA THR A 36 -2.71 9.12 0.49
C THR A 36 -1.43 9.49 -0.27
N ASP A 37 -0.50 10.13 0.41
CA ASP A 37 0.86 10.21 -0.07
C ASP A 37 1.78 9.76 1.05
N GLN A 38 3.07 10.03 0.95
CA GLN A 38 4.02 9.54 1.94
C GLN A 38 3.79 10.15 3.32
N SER A 39 3.07 11.26 3.39
CA SER A 39 2.81 11.89 4.68
C SER A 39 1.97 10.99 5.60
N ALA A 40 1.31 9.98 5.01
CA ALA A 40 0.51 9.06 5.81
C ALA A 40 1.36 8.29 6.81
N TRP A 41 2.66 8.19 6.52
CA TRP A 41 3.60 7.49 7.40
C TRP A 41 4.16 8.35 8.52
N SER A 42 3.76 9.62 8.57
CA SER A 42 4.45 10.58 9.44
C SER A 42 4.43 10.19 10.91
N ARG A 43 3.33 9.58 11.37
CA ARG A 43 3.18 9.27 12.79
C ARG A 43 3.94 8.02 13.22
N VAL A 44 4.08 7.04 12.33
CA VAL A 44 4.84 5.84 12.69
C VAL A 44 6.33 6.04 12.41
N LEU A 45 6.65 7.03 11.59
CA LEU A 45 8.02 7.30 11.16
C LEU A 45 9.06 7.46 12.31
N PRO A 46 8.75 8.22 13.38
CA PRO A 46 9.74 8.34 14.46
C PRO A 46 10.13 7.04 15.16
N TYR A 47 9.33 5.99 15.04
CA TYR A 47 9.63 4.71 15.68
C TYR A 47 10.62 3.89 14.88
N LEU A 48 10.96 4.37 13.68
CA LEU A 48 11.81 3.61 12.78
C LEU A 48 13.15 4.29 12.51
N THR A 49 13.19 5.61 12.63
CA THR A 49 14.33 6.38 12.14
C THR A 49 15.57 6.37 13.04
N ARG A 50 15.45 5.90 14.27
CA ARG A 50 16.66 5.77 15.09
C ARG A 50 17.44 4.52 14.66
N ASP A 51 16.71 3.50 14.22
CA ASP A 51 17.27 2.18 13.94
C ASP A 51 17.43 1.87 12.46
N HIS A 52 16.76 2.67 11.63
CA HIS A 52 16.72 2.38 10.20
C HIS A 52 16.94 3.60 9.34
N ARG A 53 17.46 3.35 8.16
CA ARG A 53 17.46 4.30 7.07
C ARG A 53 16.14 4.13 6.32
N VAL A 54 15.24 5.11 6.43
CA VAL A 54 13.89 4.97 5.90
C VAL A 54 13.72 5.72 4.57
N VAL A 55 13.33 4.99 3.53
CA VAL A 55 13.08 5.57 2.21
C VAL A 55 11.58 5.79 2.02
N LEU A 56 11.18 7.04 1.80
CA LEU A 56 9.80 7.38 1.49
C LEU A 56 9.70 7.92 0.08
N TYR A 57 8.60 7.61 -0.59
CA TYR A 57 8.33 8.19 -1.91
C TYR A 57 6.84 8.23 -2.16
N ASP A 58 6.41 9.04 -3.12
CA ASP A 58 5.02 9.07 -3.52
C ASP A 58 4.82 8.26 -4.78
N LEU A 59 3.75 7.47 -4.81
CA LEU A 59 3.32 6.84 -6.06
C LEU A 59 3.02 7.95 -7.05
N VAL A 60 3.22 7.67 -8.34
CA VAL A 60 3.03 8.66 -9.38
C VAL A 60 1.61 9.25 -9.36
N CYS A 61 0.66 8.51 -8.79
CA CYS A 61 -0.75 8.93 -8.76
C CYS A 61 -1.11 9.83 -7.58
N ALA A 62 -0.16 10.03 -6.67
CA ALA A 62 -0.42 10.86 -5.50
C ALA A 62 -0.66 12.30 -5.91
N GLY A 63 -1.56 12.98 -5.19
CA GLY A 63 -1.86 14.38 -5.47
C GLY A 63 -0.64 15.27 -5.31
N SER A 64 0.33 14.80 -4.53
CA SER A 64 1.56 15.54 -4.24
C SER A 64 2.59 15.40 -5.35
N VAL A 65 2.26 14.60 -6.36
CA VAL A 65 3.11 14.48 -7.54
C VAL A 65 2.48 15.28 -8.67
N ASN A 66 3.31 16.02 -9.40
CA ASN A 66 2.84 16.79 -10.54
C ASN A 66 2.07 15.88 -11.50
N PRO A 67 0.78 16.20 -11.73
CA PRO A 67 -0.06 15.41 -12.62
C PRO A 67 0.49 15.32 -14.05
N ASP A 68 1.38 16.25 -14.40
CA ASP A 68 2.08 16.22 -15.69
C ASP A 68 2.77 14.87 -15.92
N HIS A 69 3.14 14.20 -14.82
CA HIS A 69 3.91 12.97 -14.93
C HIS A 69 3.06 11.72 -15.04
N PHE A 70 1.75 11.85 -14.88
CA PHE A 70 0.91 10.66 -14.94
C PHE A 70 0.60 10.25 -16.38
N ASP A 71 1.19 9.14 -16.79
CA ASP A 71 1.05 8.61 -18.13
C ASP A 71 0.02 7.47 -18.11
N PHE A 72 -1.18 7.75 -18.62
CA PHE A 72 -2.27 6.76 -18.58
C PHE A 72 -1.93 5.46 -19.27
N ARG A 73 -1.23 5.55 -20.41
CA ARG A 73 -0.83 4.37 -21.15
C ARG A 73 0.23 3.57 -20.42
N ARG A 74 1.22 4.26 -19.85
CA ARG A 74 2.30 3.59 -19.13
C ARG A 74 1.79 2.93 -17.86
N TYR A 75 1.01 3.67 -17.08
CA TYR A 75 0.53 3.15 -15.80
C TYR A 75 -0.83 2.50 -15.96
N ASP A 76 -0.88 1.50 -16.83
CA ASP A 76 -2.08 0.74 -17.11
C ASP A 76 -2.02 -0.60 -16.39
N ASN A 77 -0.91 -0.83 -15.69
CA ASN A 77 -0.70 -2.06 -14.96
C ASN A 77 0.26 -1.78 -13.81
N LEU A 78 0.28 -2.65 -12.82
CA LEU A 78 1.11 -2.41 -11.65
C LEU A 78 2.59 -2.61 -11.91
N ASP A 79 2.94 -3.33 -12.98
CA ASP A 79 4.36 -3.50 -13.31
C ASP A 79 5.06 -2.16 -13.55
N ALA A 80 4.31 -1.17 -14.04
CA ALA A 80 4.87 0.16 -14.26
C ALA A 80 5.21 0.85 -12.94
N TYR A 81 4.39 0.61 -11.92
CA TYR A 81 4.66 1.13 -10.59
C TYR A 81 5.86 0.42 -9.98
N VAL A 82 5.98 -0.87 -10.25
CA VAL A 82 7.13 -1.66 -9.80
C VAL A 82 8.42 -1.11 -10.42
N ASP A 83 8.36 -0.77 -11.70
CA ASP A 83 9.50 -0.18 -12.40
C ASP A 83 10.01 1.06 -11.67
N ASP A 84 9.08 1.91 -11.24
CA ASP A 84 9.43 3.13 -10.49
C ASP A 84 10.13 2.80 -9.19
N LEU A 85 9.57 1.86 -8.44
CA LEU A 85 10.15 1.46 -7.17
C LEU A 85 11.58 0.95 -7.34
N LEU A 86 11.78 0.04 -8.29
CA LEU A 86 13.09 -0.54 -8.53
C LEU A 86 14.08 0.51 -9.04
N ALA A 87 13.58 1.44 -9.86
CA ALA A 87 14.44 2.50 -10.39
C ALA A 87 14.90 3.44 -9.27
N ILE A 88 14.03 3.70 -8.31
CA ILE A 88 14.39 4.52 -7.16
C ILE A 88 15.49 3.87 -6.35
N LEU A 89 15.31 2.58 -6.03
CA LEU A 89 16.29 1.87 -5.21
C LEU A 89 17.62 1.73 -5.97
N ASP A 90 17.54 1.55 -7.28
CA ASP A 90 18.76 1.49 -8.09
C ASP A 90 19.47 2.84 -8.14
N ALA A 91 18.71 3.92 -8.21
CA ALA A 91 19.29 5.26 -8.27
C ALA A 91 19.90 5.65 -6.92
N LEU A 92 19.39 5.04 -5.85
CA LEU A 92 19.90 5.30 -4.51
C LEU A 92 21.05 4.34 -4.16
N ARG A 93 21.33 3.41 -5.07
CA ARG A 93 22.36 2.39 -4.86
C ARG A 93 22.08 1.57 -3.60
N ILE A 94 20.83 1.12 -3.47
CA ILE A 94 20.40 0.28 -2.35
C ILE A 94 20.15 -1.13 -2.84
N PRO A 95 21.02 -2.08 -2.46
CA PRO A 95 20.91 -3.45 -2.96
C PRO A 95 20.07 -4.37 -2.10
N ARG A 96 19.70 -3.91 -0.91
CA ARG A 96 18.94 -4.73 0.02
C ARG A 96 18.13 -3.87 0.96
N CYS A 97 16.86 -4.24 1.16
CA CYS A 97 15.99 -3.46 2.02
C CYS A 97 14.82 -4.29 2.54
N ALA A 98 14.14 -3.75 3.54
CA ALA A 98 12.82 -4.22 3.92
C ALA A 98 11.81 -3.29 3.28
N PHE A 99 10.63 -3.81 2.95
CA PHE A 99 9.61 -3.03 2.23
C PHE A 99 8.28 -3.11 2.95
N VAL A 100 7.71 -1.95 3.28
CA VAL A 100 6.39 -1.86 3.89
C VAL A 100 5.44 -1.25 2.87
N GLY A 101 4.42 -2.00 2.48
CA GLY A 101 3.49 -1.54 1.47
C GLY A 101 2.05 -1.59 1.93
N HIS A 102 1.31 -0.51 1.66
CA HIS A 102 -0.10 -0.44 1.98
C HIS A 102 -0.95 -0.55 0.73
N SER A 103 -1.97 -1.42 0.77
CA SER A 103 -2.97 -1.54 -0.30
C SER A 103 -2.29 -1.84 -1.65
N VAL A 104 -2.43 -0.94 -2.63
CA VAL A 104 -1.80 -1.15 -3.93
C VAL A 104 -0.29 -1.37 -3.78
N SER A 105 0.32 -0.73 -2.79
CA SER A 105 1.75 -0.92 -2.57
C SER A 105 2.11 -2.31 -2.02
N ALA A 106 1.15 -3.01 -1.42
CA ALA A 106 1.41 -4.40 -1.05
C ALA A 106 1.54 -5.26 -2.30
N MET A 107 0.70 -4.98 -3.30
CA MET A 107 0.79 -5.68 -4.57
C MET A 107 2.08 -5.34 -5.30
N ILE A 108 2.46 -4.06 -5.28
CA ILE A 108 3.72 -3.62 -5.86
C ILE A 108 4.88 -4.36 -5.19
N GLY A 109 4.85 -4.46 -3.87
CA GLY A 109 5.90 -5.16 -3.15
C GLY A 109 6.02 -6.63 -3.50
N ILE A 110 4.89 -7.32 -3.60
CA ILE A 110 4.89 -8.72 -3.98
C ILE A 110 5.53 -8.90 -5.37
N LEU A 111 5.09 -8.09 -6.33
CA LEU A 111 5.62 -8.16 -7.69
C LEU A 111 7.12 -7.84 -7.71
N ALA A 112 7.52 -6.83 -6.94
CA ALA A 112 8.92 -6.42 -6.90
C ALA A 112 9.82 -7.50 -6.32
N SER A 113 9.32 -8.23 -5.32
CA SER A 113 10.11 -9.27 -4.66
C SER A 113 10.28 -10.50 -5.56
N ILE A 114 9.36 -10.65 -6.51
CA ILE A 114 9.48 -11.72 -7.50
C ILE A 114 10.46 -11.31 -8.59
N ARG A 115 10.38 -10.05 -8.99
CA ARG A 115 11.28 -9.48 -9.99
C ARG A 115 12.72 -9.49 -9.51
N ARG A 116 12.93 -9.11 -8.25
CA ARG A 116 14.27 -8.96 -7.68
C ARG A 116 14.34 -9.54 -6.26
N PRO A 117 14.44 -10.88 -6.16
CA PRO A 117 14.38 -11.58 -4.88
C PRO A 117 15.43 -11.13 -3.87
N ASP A 118 16.65 -10.89 -4.34
CA ASP A 118 17.74 -10.51 -3.44
C ASP A 118 17.61 -9.10 -2.89
N LEU A 119 16.76 -8.29 -3.52
CA LEU A 119 16.64 -6.88 -3.12
C LEU A 119 15.75 -6.72 -1.89
N PHE A 120 14.75 -7.58 -1.75
CA PHE A 120 13.80 -7.43 -0.66
C PHE A 120 13.99 -8.52 0.40
N ALA A 121 14.59 -8.10 1.52
CA ALA A 121 14.90 -9.00 2.62
C ALA A 121 13.65 -9.38 3.41
N LYS A 122 12.64 -8.52 3.36
CA LYS A 122 11.41 -8.74 4.11
C LYS A 122 10.31 -7.84 3.57
N LEU A 123 9.08 -8.35 3.57
CA LEU A 123 7.91 -7.56 3.19
C LEU A 123 6.97 -7.41 4.37
N VAL A 124 6.45 -6.22 4.57
CA VAL A 124 5.35 -6.01 5.51
C VAL A 124 4.18 -5.47 4.72
N LEU A 125 3.07 -6.18 4.78
CA LEU A 125 1.91 -5.87 3.94
C LEU A 125 0.76 -5.40 4.81
N ILE A 126 0.24 -4.22 4.50
CA ILE A 126 -0.82 -3.58 5.28
C ILE A 126 -1.99 -3.30 4.34
N GLY A 127 -3.22 -3.49 4.82
CA GLY A 127 -4.40 -3.30 3.99
C GLY A 127 -4.25 -4.09 2.70
N ALA A 128 -3.79 -5.32 2.85
CA ALA A 128 -3.23 -6.07 1.72
C ALA A 128 -4.12 -7.17 1.18
N SER A 129 -4.11 -7.29 -0.15
CA SER A 129 -4.87 -8.34 -0.84
C SER A 129 -4.23 -8.68 -2.17
N PRO A 130 -4.31 -9.97 -2.56
CA PRO A 130 -3.82 -10.35 -3.90
C PRO A 130 -4.88 -10.12 -4.98
N ARG A 131 -6.13 -9.88 -4.57
CA ARG A 131 -7.23 -9.70 -5.50
C ARG A 131 -8.44 -9.16 -4.77
N PHE A 132 -8.93 -7.99 -5.19
CA PHE A 132 -10.03 -7.35 -4.49
C PHE A 132 -11.40 -7.79 -4.99
N LEU A 133 -11.47 -8.35 -6.20
CA LEU A 133 -12.72 -8.89 -6.72
C LEU A 133 -12.96 -10.30 -6.24
N ASN A 134 -14.22 -10.64 -6.01
CA ASN A 134 -14.57 -12.02 -5.71
C ASN A 134 -14.31 -12.89 -6.91
N ASP A 135 -14.09 -14.18 -6.65
CA ASP A 135 -14.04 -15.20 -7.69
C ASP A 135 -14.75 -16.39 -7.06
N SER A 136 -15.02 -17.44 -7.83
CA SER A 136 -15.74 -18.58 -7.28
C SER A 136 -15.04 -19.11 -6.03
N ASP A 137 -15.71 -18.96 -4.89
CA ASP A 137 -15.24 -19.35 -3.55
C ASP A 137 -14.16 -18.43 -2.98
N TYR A 138 -13.43 -17.71 -3.83
CA TYR A 138 -12.48 -16.72 -3.34
C TYR A 138 -13.21 -15.41 -2.99
N HIS A 139 -13.09 -14.99 -1.73
CA HIS A 139 -13.73 -13.76 -1.27
C HIS A 139 -12.75 -12.60 -1.25
N GLY A 140 -12.86 -11.72 -2.24
CA GLY A 140 -11.98 -10.55 -2.31
C GLY A 140 -12.61 -9.34 -1.64
N GLY A 141 -13.93 -9.31 -1.58
CA GLY A 141 -14.62 -8.22 -0.91
C GLY A 141 -15.60 -7.48 -1.79
N PHE A 142 -15.43 -7.61 -3.10
CA PHE A 142 -16.28 -6.92 -4.07
C PHE A 142 -16.73 -7.79 -5.22
N GLU A 143 -18.01 -7.73 -5.53
CA GLU A 143 -18.51 -8.23 -6.80
C GLU A 143 -18.17 -7.21 -7.86
N LEU A 144 -18.09 -7.67 -9.12
CA LEU A 144 -17.85 -6.76 -10.24
C LEU A 144 -18.85 -5.61 -10.21
N GLU A 145 -20.12 -5.93 -9.99
CA GLU A 145 -21.18 -4.92 -10.00
C GLU A 145 -21.00 -3.89 -8.88
N GLU A 146 -20.50 -4.34 -7.74
CA GLU A 146 -20.24 -3.42 -6.63
C GLU A 146 -19.18 -2.38 -6.97
N ILE A 147 -18.05 -2.83 -7.51
CA ILE A 147 -17.00 -1.86 -7.79
C ILE A 147 -17.38 -1.02 -9.00
N GLN A 148 -18.19 -1.55 -9.92
CA GLN A 148 -18.64 -0.75 -11.06
C GLN A 148 -19.55 0.38 -10.60
N GLN A 149 -20.32 0.13 -9.54
CA GLN A 149 -21.13 1.18 -8.93
C GLN A 149 -20.24 2.27 -8.33
N VAL A 150 -19.15 1.85 -7.71
CA VAL A 150 -18.19 2.79 -7.15
C VAL A 150 -17.57 3.65 -8.24
N PHE A 151 -17.12 3.00 -9.31
CA PHE A 151 -16.51 3.71 -10.43
C PHE A 151 -17.48 4.70 -11.07
N ASP A 152 -18.75 4.31 -11.17
CA ASP A 152 -19.80 5.21 -11.64
C ASP A 152 -19.87 6.46 -10.78
N ALA A 153 -19.90 6.25 -9.47
CA ALA A 153 -20.01 7.35 -8.51
C ALA A 153 -18.77 8.24 -8.54
N MET A 154 -17.59 7.63 -8.65
CA MET A 154 -16.34 8.39 -8.74
C MET A 154 -16.33 9.29 -9.96
N GLY A 155 -16.87 8.77 -11.07
CA GLY A 155 -16.90 9.53 -12.31
C GLY A 155 -17.97 10.60 -12.32
N ALA A 156 -19.09 10.32 -11.67
CA ALA A 156 -20.24 11.22 -11.69
C ALA A 156 -20.01 12.44 -10.82
N ASN A 157 -19.43 12.22 -9.64
CA ASN A 157 -19.19 13.28 -8.68
C ASN A 157 -18.12 12.82 -7.69
N TYR A 158 -16.87 13.17 -7.97
CA TYR A 158 -15.74 12.68 -7.20
C TYR A 158 -15.79 13.16 -5.76
N SER A 159 -16.08 14.44 -5.56
CA SER A 159 -16.15 15.03 -4.23
C SER A 159 -17.17 14.32 -3.34
N ALA A 160 -18.35 14.09 -3.90
CA ALA A 160 -19.42 13.41 -3.17
C ALA A 160 -19.01 11.98 -2.85
N TRP A 161 -18.41 11.30 -3.82
CA TRP A 161 -17.96 9.93 -3.58
C TRP A 161 -16.89 9.90 -2.48
N ALA A 162 -15.91 10.80 -2.60
CA ALA A 162 -14.77 10.82 -1.68
C ALA A 162 -15.20 11.08 -0.25
N THR A 163 -16.13 12.00 -0.08
CA THR A 163 -16.67 12.33 1.24
C THR A 163 -17.30 11.11 1.90
N GLY A 164 -17.97 10.29 1.10
CA GLY A 164 -18.63 9.10 1.61
C GLY A 164 -17.65 7.98 1.90
N TYR A 165 -16.62 7.86 1.07
CA TYR A 165 -15.68 6.75 1.18
C TYR A 165 -14.72 6.92 2.36
N ALA A 166 -14.27 8.14 2.61
CA ALA A 166 -13.24 8.38 3.63
C ALA A 166 -13.56 7.77 5.00
N PRO A 167 -14.79 7.96 5.53
CA PRO A 167 -15.02 7.33 6.85
C PRO A 167 -15.13 5.81 6.80
N LEU A 168 -15.52 5.27 5.66
CA LEU A 168 -15.59 3.81 5.51
C LEU A 168 -14.19 3.20 5.54
N ALA A 169 -13.26 3.86 4.83
CA ALA A 169 -11.88 3.40 4.76
C ALA A 169 -11.21 3.51 6.11
N VAL A 170 -11.41 4.62 6.80
CA VAL A 170 -10.84 4.78 8.13
C VAL A 170 -11.48 3.77 9.07
N GLY A 171 -12.79 3.54 8.92
CA GLY A 171 -13.47 2.46 9.62
C GLY A 171 -13.82 2.76 11.07
N ALA A 172 -12.81 2.89 11.91
CA ALA A 172 -13.01 3.31 13.29
C ALA A 172 -13.48 4.76 13.31
N ASP A 173 -14.16 5.14 14.39
CA ASP A 173 -14.62 6.51 14.56
C ASP A 173 -13.48 7.39 15.04
N VAL A 174 -12.58 7.73 14.13
CA VAL A 174 -11.45 8.61 14.42
C VAL A 174 -11.51 9.81 13.47
N PRO A 175 -12.25 10.85 13.85
CA PRO A 175 -12.48 12.05 13.04
C PRO A 175 -11.22 12.64 12.42
N ALA A 176 -10.13 12.69 13.18
CA ALA A 176 -8.89 13.31 12.69
C ALA A 176 -8.29 12.54 11.53
N ALA A 177 -8.44 11.21 11.56
CA ALA A 177 -7.93 10.37 10.50
C ALA A 177 -8.82 10.49 9.26
N VAL A 178 -10.14 10.58 9.47
CA VAL A 178 -11.08 10.79 8.38
C VAL A 178 -10.76 12.10 7.68
N GLN A 179 -10.51 13.14 8.47
CA GLN A 179 -10.18 14.46 7.94
C GLN A 179 -8.88 14.42 7.14
N GLU A 180 -7.88 13.74 7.68
CA GLU A 180 -6.57 13.69 7.06
C GLU A 180 -6.59 12.84 5.77
N PHE A 181 -7.30 11.73 5.80
CA PHE A 181 -7.42 10.89 4.60
C PHE A 181 -8.21 11.61 3.51
N SER A 182 -9.26 12.31 3.92
CA SER A 182 -10.04 13.10 2.99
C SER A 182 -9.19 14.18 2.33
N ARG A 183 -8.28 14.77 3.09
CA ARG A 183 -7.39 15.81 2.58
C ARG A 183 -6.60 15.34 1.35
N THR A 184 -5.97 14.18 1.45
CA THR A 184 -5.13 13.70 0.36
C THR A 184 -5.96 13.03 -0.73
N LEU A 185 -7.11 12.49 -0.36
CA LEU A 185 -8.04 11.93 -1.32
C LEU A 185 -8.55 13.02 -2.25
N PHE A 186 -8.84 14.19 -1.70
CA PHE A 186 -9.29 15.33 -2.50
C PHE A 186 -8.17 15.98 -3.32
N ASN A 187 -6.92 15.73 -2.92
CA ASN A 187 -5.77 16.26 -3.65
C ASN A 187 -5.50 15.54 -4.97
N MET A 188 -6.13 14.38 -5.15
CA MET A 188 -5.94 13.61 -6.37
C MET A 188 -6.85 14.14 -7.49
N ARG A 189 -6.34 14.16 -8.72
CA ARG A 189 -7.18 14.48 -9.86
C ARG A 189 -8.13 13.31 -10.08
N PRO A 190 -9.44 13.60 -10.20
CA PRO A 190 -10.45 12.54 -10.25
C PRO A 190 -10.23 11.48 -11.34
N ASP A 191 -9.76 11.87 -12.51
CA ASP A 191 -9.55 10.89 -13.58
C ASP A 191 -8.38 9.96 -13.27
N ILE A 192 -7.36 10.49 -12.58
CA ILE A 192 -6.22 9.69 -12.18
C ILE A 192 -6.65 8.73 -11.07
N SER A 193 -7.47 9.23 -10.14
CA SER A 193 -8.00 8.40 -9.05
C SER A 193 -8.76 7.20 -9.58
N LEU A 194 -9.68 7.45 -10.51
CA LEU A 194 -10.44 6.38 -11.14
C LEU A 194 -9.51 5.38 -11.81
N HIS A 195 -8.53 5.89 -12.54
CA HIS A 195 -7.64 5.04 -13.31
C HIS A 195 -6.85 4.08 -12.43
N VAL A 196 -6.27 4.60 -11.36
CA VAL A 196 -5.47 3.74 -10.49
C VAL A 196 -6.35 2.71 -9.79
N CYS A 197 -7.57 3.11 -9.41
CA CYS A 197 -8.48 2.17 -8.80
C CYS A 197 -8.84 1.05 -9.76
N GLN A 198 -9.10 1.40 -11.01
CA GLN A 198 -9.38 0.39 -12.02
C GLN A 198 -8.19 -0.55 -12.20
N THR A 199 -6.99 0.01 -12.22
CA THR A 199 -5.77 -0.79 -12.34
C THR A 199 -5.66 -1.78 -11.19
N VAL A 200 -5.90 -1.30 -9.98
CA VAL A 200 -5.86 -2.18 -8.82
C VAL A 200 -6.89 -3.30 -8.93
N PHE A 201 -8.10 -2.97 -9.35
CA PHE A 201 -9.17 -3.97 -9.38
C PHE A 201 -9.10 -4.94 -10.55
N LYS A 202 -8.22 -4.69 -11.52
CA LYS A 202 -8.02 -5.68 -12.57
C LYS A 202 -6.77 -6.52 -12.29
N THR A 203 -6.10 -6.25 -11.17
CA THR A 203 -4.91 -6.99 -10.77
C THR A 203 -5.28 -8.26 -10.00
N ASP A 204 -4.61 -9.37 -10.32
CA ASP A 204 -4.85 -10.64 -9.65
C ASP A 204 -3.51 -11.33 -9.46
N LEU A 205 -2.99 -11.31 -8.24
CA LEU A 205 -1.67 -11.87 -7.95
C LEU A 205 -1.72 -13.28 -7.38
N ARG A 206 -2.91 -13.88 -7.31
CA ARG A 206 -3.06 -15.18 -6.66
C ARG A 206 -2.14 -16.22 -7.28
N GLY A 207 -2.01 -16.18 -8.60
CA GLY A 207 -1.20 -17.15 -9.33
C GLY A 207 0.29 -17.10 -9.03
N VAL A 208 0.78 -15.94 -8.57
CA VAL A 208 2.21 -15.79 -8.38
C VAL A 208 2.66 -15.69 -6.92
N LEU A 209 1.71 -15.78 -5.97
CA LEU A 209 2.07 -15.71 -4.55
C LEU A 209 3.10 -16.78 -4.18
N GLY A 210 2.97 -17.95 -4.79
CA GLY A 210 3.86 -19.06 -4.50
C GLY A 210 5.29 -18.82 -4.94
N MET A 211 5.49 -17.80 -5.78
CA MET A 211 6.82 -17.48 -6.30
C MET A 211 7.62 -16.56 -5.36
N VAL A 212 6.92 -15.89 -4.45
CA VAL A 212 7.58 -15.04 -3.46
C VAL A 212 8.45 -15.89 -2.54
N ARG A 213 9.66 -15.43 -2.23
CA ARG A 213 10.53 -16.15 -1.32
C ARG A 213 10.90 -15.33 -0.10
N ALA A 214 10.61 -14.03 -0.13
CA ALA A 214 10.92 -13.17 0.99
C ALA A 214 10.02 -13.48 2.18
N PRO A 215 10.57 -13.40 3.40
CA PRO A 215 9.70 -13.50 4.57
C PRO A 215 8.74 -12.32 4.60
N CYS A 216 7.56 -12.55 5.18
CA CYS A 216 6.50 -11.59 5.04
C CYS A 216 5.66 -11.50 6.31
N VAL A 217 5.36 -10.28 6.71
CA VAL A 217 4.41 -10.04 7.78
C VAL A 217 3.17 -9.40 7.19
N VAL A 218 2.02 -10.03 7.42
CA VAL A 218 0.75 -9.47 6.97
C VAL A 218 0.05 -8.86 8.16
N VAL A 219 -0.23 -7.57 8.11
CA VAL A 219 -0.88 -6.87 9.20
C VAL A 219 -2.38 -6.87 8.99
N GLN A 220 -3.10 -7.50 9.91
CA GLN A 220 -4.56 -7.61 9.81
C GLN A 220 -5.24 -6.79 10.90
N THR A 221 -6.17 -5.95 10.49
CA THR A 221 -7.04 -5.27 11.45
C THR A 221 -8.32 -6.08 11.65
N THR A 222 -9.18 -5.64 12.56
CA THR A 222 -10.37 -6.43 12.89
C THR A 222 -11.42 -6.39 11.80
N ARG A 223 -11.43 -5.31 11.02
CA ARG A 223 -12.40 -5.12 9.96
C ARG A 223 -11.83 -4.10 8.97
N ASP A 224 -11.96 -4.42 7.69
CA ASP A 224 -11.44 -3.59 6.61
C ASP A 224 -12.46 -3.66 5.49
N VAL A 225 -13.05 -2.51 5.15
CA VAL A 225 -14.11 -2.47 4.14
C VAL A 225 -13.62 -3.00 2.78
N SER A 226 -12.31 -3.02 2.57
CA SER A 226 -11.74 -3.49 1.32
C SER A 226 -11.02 -4.84 1.40
N VAL A 227 -10.81 -5.34 2.62
CA VAL A 227 -10.04 -6.57 2.80
C VAL A 227 -10.73 -7.49 3.80
N PRO A 228 -11.42 -8.54 3.29
CA PRO A 228 -12.07 -9.49 4.20
C PRO A 228 -11.08 -10.14 5.16
N ALA A 229 -11.56 -10.54 6.33
CA ALA A 229 -10.69 -11.12 7.36
C ALA A 229 -9.99 -12.39 6.86
N SER A 230 -10.62 -13.09 5.92
CA SER A 230 -10.05 -14.32 5.39
C SER A 230 -8.84 -14.13 4.47
N VAL A 231 -8.59 -12.89 4.04
CA VAL A 231 -7.52 -12.68 3.06
C VAL A 231 -6.14 -12.90 3.68
N ALA A 232 -5.95 -12.51 4.94
CA ALA A 232 -4.63 -12.64 5.55
C ALA A 232 -4.19 -14.11 5.64
N ALA A 233 -5.10 -14.98 6.08
CA ALA A 233 -4.79 -16.40 6.15
C ALA A 233 -4.58 -16.99 4.76
N TYR A 234 -5.29 -16.46 3.77
CA TYR A 234 -5.10 -16.87 2.39
C TYR A 234 -3.68 -16.52 1.94
N LEU A 235 -3.25 -15.31 2.24
CA LEU A 235 -1.89 -14.89 1.91
C LEU A 235 -0.86 -15.77 2.61
N LYS A 236 -1.08 -16.04 3.90
CA LYS A 236 -0.19 -16.93 4.65
C LYS A 236 -0.13 -18.33 4.03
N ALA A 237 -1.29 -18.82 3.59
CA ALA A 237 -1.36 -20.16 3.01
C ALA A 237 -0.61 -20.27 1.69
N HIS A 238 -0.61 -19.21 0.89
CA HIS A 238 -0.16 -19.34 -0.49
C HIS A 238 1.13 -18.59 -0.84
N LEU A 239 1.57 -17.67 0.01
CA LEU A 239 2.86 -17.02 -0.21
C LEU A 239 3.99 -18.05 -0.04
N GLY A 240 5.02 -17.95 -0.87
CA GLY A 240 6.08 -18.95 -0.90
C GLY A 240 7.21 -18.77 0.09
N GLY A 241 7.19 -17.68 0.85
CA GLY A 241 8.18 -17.46 1.89
C GLY A 241 7.60 -17.73 3.26
N ARG A 242 8.37 -17.40 4.31
CA ARG A 242 7.87 -17.51 5.68
C ARG A 242 6.94 -16.34 5.99
N THR A 243 5.67 -16.64 6.28
CA THR A 243 4.65 -15.61 6.42
C THR A 243 4.00 -15.67 7.79
N THR A 244 3.94 -14.52 8.45
CA THR A 244 3.31 -14.39 9.76
C THR A 244 2.20 -13.35 9.67
N VAL A 245 1.03 -13.68 10.20
CA VAL A 245 -0.03 -12.69 10.30
C VAL A 245 0.06 -12.04 11.67
N GLU A 246 0.09 -10.71 11.67
CA GLU A 246 0.07 -9.93 12.89
C GLU A 246 -1.30 -9.33 13.05
N PHE A 247 -1.92 -9.55 14.21
CA PHE A 247 -3.28 -9.10 14.41
C PHE A 247 -3.31 -7.80 15.18
N LEU A 248 -3.84 -6.78 14.52
CA LEU A 248 -3.89 -5.45 15.06
C LEU A 248 -5.27 -5.22 15.63
N GLN A 249 -5.34 -4.90 16.91
CA GLN A 249 -6.63 -4.77 17.57
C GLN A 249 -7.20 -3.37 17.38
N THR A 250 -7.68 -3.12 16.16
CA THR A 250 -8.28 -1.84 15.79
C THR A 250 -9.03 -2.02 14.46
N GLU A 251 -9.99 -1.16 14.18
CA GLU A 251 -10.81 -1.29 12.97
C GLU A 251 -10.35 -0.36 11.85
N GLY A 252 -10.34 -0.84 10.62
CA GLY A 252 -10.08 0.02 9.49
C GLY A 252 -9.03 -0.43 8.49
N HIS A 253 -8.96 0.31 7.39
CA HIS A 253 -8.07 0.03 6.27
C HIS A 253 -6.76 0.81 6.39
N LEU A 254 -6.76 1.84 7.23
CA LEU A 254 -5.61 2.75 7.32
C LEU A 254 -5.06 2.86 8.75
N PRO A 255 -4.57 1.75 9.31
CA PRO A 255 -4.09 1.80 10.69
C PRO A 255 -2.91 2.76 10.88
N HIS A 256 -2.15 3.06 9.84
CA HIS A 256 -1.07 4.04 10.01
C HIS A 256 -1.63 5.45 10.23
N LEU A 257 -2.88 5.68 9.87
CA LEU A 257 -3.54 6.96 10.15
C LEU A 257 -4.34 6.93 11.45
N SER A 258 -5.05 5.83 11.69
CA SER A 258 -6.04 5.76 12.77
C SER A 258 -5.52 5.09 14.04
N ALA A 259 -4.49 4.27 13.91
CA ALA A 259 -3.94 3.55 15.06
C ALA A 259 -2.43 3.44 14.96
N PRO A 260 -1.74 4.59 14.84
CA PRO A 260 -0.30 4.55 14.54
C PRO A 260 0.51 3.94 15.70
N SER A 261 0.01 4.08 16.92
CA SER A 261 0.69 3.51 18.09
C SER A 261 0.68 1.99 18.07
N LEU A 262 -0.50 1.40 17.88
CA LEU A 262 -0.62 -0.04 17.73
C LEU A 262 0.25 -0.55 16.59
N LEU A 263 0.20 0.15 15.45
CA LEU A 263 0.91 -0.31 14.27
C LEU A 263 2.42 -0.24 14.43
N ALA A 264 2.91 0.85 15.00
CA ALA A 264 4.36 1.08 15.11
C ALA A 264 5.07 -0.02 15.90
N GLN A 265 4.42 -0.54 16.92
CA GLN A 265 5.05 -1.58 17.73
C GLN A 265 5.16 -2.87 16.92
N VAL A 266 4.15 -3.15 16.10
CA VAL A 266 4.23 -4.30 15.20
C VAL A 266 5.34 -4.09 14.18
N LEU A 267 5.43 -2.89 13.64
CA LEU A 267 6.47 -2.59 12.65
C LEU A 267 7.85 -2.72 13.27
N ARG A 268 8.01 -2.27 14.50
CA ARG A 268 9.25 -2.41 15.24
C ARG A 268 9.70 -3.87 15.33
N ARG A 269 8.78 -4.74 15.76
CA ARG A 269 9.07 -6.17 15.84
C ARG A 269 9.45 -6.74 14.48
N ALA A 270 8.65 -6.40 13.47
CA ALA A 270 8.84 -6.95 12.13
C ALA A 270 10.13 -6.49 11.47
N LEU A 271 10.65 -5.34 11.90
CA LEU A 271 11.81 -4.76 11.24
C LEU A 271 13.05 -4.74 12.14
N ALA A 272 12.97 -5.47 13.25
CA ALA A 272 14.08 -5.53 14.19
C ALA A 272 15.29 -6.25 13.59
N ARG A 273 15.02 -7.30 12.82
CA ARG A 273 16.09 -8.07 12.18
C ARG A 273 15.60 -8.66 10.86
N TYR A 274 16.42 -8.54 9.83
CA TYR A 274 16.12 -9.14 8.53
C TYR A 274 17.36 -9.21 7.64
#